data_6B7P
#
_entry.id   6B7P
#
_cell.length_a   154.349
_cell.length_b   154.349
_cell.length_c   89.568
_cell.angle_alpha   90.00
_cell.angle_beta   90.00
_cell.angle_gamma   120.00
#
_symmetry.space_group_name_H-M   'H 3'
#
loop_
_entity.id
_entity.type
_entity.pdbx_description
1 polymer SdeD
2 water water
#
_entity_poly.entity_id   1
_entity_poly.type   'polypeptide(L)'
_entity_poly.pdbx_seq_one_letter_code
;SMPIILDSDVLEVAEYVYKTRLSQPYTEVGSEWEYNYKNPTATFAKGDGHNLQRYITIDGKQLHRPIHGLAHTMRTLMYS
QLMYCSSKKQPSPHVCQDGRTIADLSELDLKKINIAQLFFVAGRESEASYGDAYHRYHLYGAKQFEEYARKHLTHLFSEE
EIRLYSRCIEDRVGDSFDGTPEGYIIHLSHMIDLMRCKSPVEVFLGHSKGVSGIVPTLIHLFGKQDGLDIMHYARGLFAA
TGEAVPYIDSSEWPHLGVDLSRVQRALSIVGDINVPGQEADSKKTAQAGFSVDGCYSALTSVPTPSWYEKELKEIDDEKI
DVKEVDDREIEKEHEIVVPSQATTPLSTVKTDSFVEKLLKPFMIWKKPEVQTTQPTTEKTNKP
;
_entity_poly.pdbx_strand_id   A,B
#
# COMPACT_ATOMS: atom_id res chain seq x y z
N MET A 2 -15.50 30.40 16.77
CA MET A 2 -16.15 30.00 15.51
C MET A 2 -15.47 28.67 15.11
N PRO A 3 -16.25 27.71 14.71
CA PRO A 3 -15.64 26.41 14.32
C PRO A 3 -14.91 26.46 13.00
N ILE A 4 -13.88 25.58 12.92
CA ILE A 4 -13.26 25.25 11.65
C ILE A 4 -14.05 24.18 11.02
N ILE A 5 -14.62 24.44 9.85
CA ILE A 5 -15.58 23.53 9.21
C ILE A 5 -14.88 22.80 8.06
N LEU A 6 -15.02 21.49 8.02
CA LEU A 6 -14.69 20.72 6.83
C LEU A 6 -15.94 20.49 5.96
N ASP A 7 -15.87 21.00 4.76
CA ASP A 7 -17.00 20.99 3.88
C ASP A 7 -17.42 19.58 3.49
N SER A 8 -18.64 19.37 3.05
CA SER A 8 -19.13 18.07 2.64
C SER A 8 -18.30 17.42 1.55
N ASP A 9 -17.79 18.22 0.62
CA ASP A 9 -16.96 17.63 -0.39
C ASP A 9 -15.56 17.21 0.11
N VAL A 10 -15.03 17.95 1.08
CA VAL A 10 -13.77 17.56 1.72
C VAL A 10 -13.98 16.20 2.42
N LEU A 11 -15.11 16.06 3.10
CA LEU A 11 -15.42 14.83 3.80
C LEU A 11 -15.60 13.67 2.89
N GLU A 12 -16.25 13.91 1.70
CA GLU A 12 -16.34 12.89 0.68
C GLU A 12 -15.00 12.30 0.25
N VAL A 13 -14.07 13.22 -0.05
CA VAL A 13 -12.70 12.81 -0.40
C VAL A 13 -12.06 12.09 0.83
N ALA A 14 -12.27 12.56 2.00
CA ALA A 14 -11.70 11.93 3.22
C ALA A 14 -12.16 10.44 3.24
N GLU A 15 -13.43 10.22 3.03
CA GLU A 15 -13.93 8.83 3.01
C GLU A 15 -13.22 8.00 2.00
N TYR A 16 -12.99 8.50 0.80
CA TYR A 16 -12.28 7.75 -0.21
C TYR A 16 -10.84 7.46 0.19
N VAL A 17 -10.14 8.46 0.72
CA VAL A 17 -8.75 8.23 1.02
C VAL A 17 -8.70 7.22 2.19
N TYR A 18 -9.61 7.32 3.12
CA TYR A 18 -9.61 6.42 4.26
C TYR A 18 -9.82 5.00 3.72
N LYS A 19 -10.89 4.80 2.93
CA LYS A 19 -11.16 3.43 2.44
C LYS A 19 -10.03 2.89 1.63
N THR A 20 -9.45 3.64 0.70
CA THR A 20 -8.51 3.12 -0.26
C THR A 20 -7.08 3.03 0.22
N ARG A 21 -6.70 3.92 1.17
CA ARG A 21 -5.29 4.09 1.52
C ARG A 21 -5.13 4.07 3.04
N LEU A 22 -5.71 5.01 3.78
CA LEU A 22 -5.31 5.22 5.18
C LEU A 22 -5.72 4.06 6.11
N SER A 23 -6.77 3.34 5.74
CA SER A 23 -7.21 2.13 6.47
C SER A 23 -6.35 0.95 6.13
N GLN A 24 -5.54 0.95 5.11
CA GLN A 24 -4.90 -0.22 4.57
C GLN A 24 -3.59 -0.46 5.24
N PRO A 25 -3.22 -1.77 5.38
CA PRO A 25 -1.95 -2.06 5.93
C PRO A 25 -0.79 -1.60 5.09
N TYR A 26 0.28 -1.26 5.77
CA TYR A 26 1.52 -0.92 5.15
C TYR A 26 2.07 -2.19 4.45
N THR A 27 2.72 -2.02 3.31
CA THR A 27 3.30 -3.15 2.52
C THR A 27 4.74 -3.25 2.55
N GLU A 28 5.57 -2.26 2.81
CA GLU A 28 6.97 -2.39 2.78
C GLU A 28 7.41 -2.69 4.24
N VAL A 29 6.98 -3.91 4.61
CA VAL A 29 7.10 -4.47 6.02
C VAL A 29 7.44 -5.95 5.89
N GLY A 30 7.95 -6.39 7.01
CA GLY A 30 8.26 -7.85 7.20
C GLY A 30 9.71 -8.12 7.13
N SER A 31 10.03 -9.45 7.01
CA SER A 31 11.46 -9.76 7.14
C SER A 31 12.33 -9.21 5.98
N GLU A 32 11.73 -8.99 4.82
CA GLU A 32 12.49 -8.44 3.69
C GLU A 32 12.75 -6.94 3.81
N TRP A 33 12.22 -6.34 4.85
CA TRP A 33 12.43 -4.93 5.10
C TRP A 33 13.08 -4.62 6.43
N GLU A 34 13.67 -5.62 7.14
CA GLU A 34 14.50 -5.32 8.27
C GLU A 34 15.83 -4.72 7.79
N TYR A 35 16.48 -4.01 8.69
CA TYR A 35 17.68 -3.28 8.35
C TYR A 35 18.74 -3.39 9.47
N ASN A 36 19.95 -3.75 9.05
CA ASN A 36 21.17 -3.84 9.91
C ASN A 36 22.26 -3.09 9.15
N TYR A 37 22.70 -1.95 9.69
CA TYR A 37 23.63 -1.07 8.95
C TYR A 37 25.01 -1.69 8.76
N LYS A 38 25.33 -2.72 9.55
CA LYS A 38 26.55 -3.51 9.38
C LYS A 38 26.45 -4.33 8.11
N ASN A 39 25.30 -4.31 7.46
CA ASN A 39 25.05 -5.22 6.37
C ASN A 39 23.93 -4.58 5.52
N PRO A 40 24.23 -3.43 4.89
CA PRO A 40 23.23 -2.48 4.41
C PRO A 40 22.35 -2.97 3.31
N THR A 41 22.83 -3.95 2.53
CA THR A 41 22.09 -4.46 1.39
C THR A 41 21.62 -5.90 1.57
N ALA A 42 21.54 -6.37 2.80
CA ALA A 42 21.02 -7.74 2.99
C ALA A 42 19.54 -7.98 2.56
N THR A 43 18.69 -6.93 2.73
CA THR A 43 17.26 -7.07 2.42
C THR A 43 16.88 -6.00 1.41
N PHE A 44 15.58 -5.73 1.28
CA PHE A 44 15.12 -4.64 0.40
C PHE A 44 15.24 -3.28 1.05
N ALA A 45 15.39 -3.22 2.36
CA ALA A 45 15.37 -1.94 3.11
C ALA A 45 16.69 -1.26 2.81
N LYS A 46 16.66 0.04 2.74
CA LYS A 46 17.89 0.90 2.70
C LYS A 46 18.03 1.77 3.93
N GLY A 47 17.37 1.44 5.06
CA GLY A 47 17.39 2.18 6.26
C GLY A 47 16.40 1.65 7.30
N ASP A 48 16.31 2.39 8.39
CA ASP A 48 15.56 1.99 9.54
C ASP A 48 14.11 2.37 9.39
N GLY A 49 13.24 1.68 10.15
CA GLY A 49 11.90 2.10 10.37
C GLY A 49 10.78 1.35 9.72
N HIS A 50 11.10 0.47 8.77
CA HIS A 50 10.07 -0.24 8.05
C HIS A 50 9.11 -0.95 8.90
N ASN A 51 9.65 -1.57 9.98
CA ASN A 51 8.78 -2.40 10.85
C ASN A 51 8.33 -1.79 12.14
N LEU A 52 8.51 -0.47 12.25
CA LEU A 52 8.11 0.32 13.40
C LEU A 52 6.63 0.76 13.32
N GLN A 53 5.88 0.60 14.41
CA GLN A 53 4.52 1.10 14.54
C GLN A 53 3.66 0.81 13.27
N ARG A 54 3.68 -0.47 12.88
CA ARG A 54 2.92 -0.87 11.71
C ARG A 54 1.49 -0.78 11.94
N TYR A 55 1.05 -1.07 13.15
CA TYR A 55 -0.34 -1.06 13.56
C TYR A 55 -0.41 -1.09 15.08
N ILE A 56 -1.56 -0.73 15.63
CA ILE A 56 -1.81 -0.93 17.05
C ILE A 56 -3.13 -1.66 17.11
N THR A 57 -3.32 -2.61 18.04
CA THR A 57 -4.55 -3.29 18.19
C THR A 57 -5.31 -2.74 19.39
N ILE A 58 -6.53 -2.33 19.12
CA ILE A 58 -7.33 -1.71 20.14
C ILE A 58 -8.63 -2.43 20.23
N ASP A 59 -8.88 -2.98 21.46
CA ASP A 59 -10.20 -3.73 21.64
C ASP A 59 -10.41 -4.80 20.53
N GLY A 60 -9.33 -5.48 20.15
CA GLY A 60 -9.40 -6.48 19.14
C GLY A 60 -9.34 -6.13 17.70
N LYS A 61 -9.21 -4.84 17.38
CA LYS A 61 -9.23 -4.42 16.02
C LYS A 61 -7.88 -3.72 15.67
N GLN A 62 -7.25 -4.15 14.59
CA GLN A 62 -5.97 -3.57 14.17
C GLN A 62 -6.23 -2.23 13.52
N LEU A 63 -5.57 -1.24 14.08
CA LEU A 63 -5.58 0.15 13.53
C LEU A 63 -4.27 0.32 12.84
N HIS A 64 -4.31 0.25 11.51
CA HIS A 64 -3.12 0.28 10.69
C HIS A 64 -2.49 1.69 10.67
N ARG A 65 -1.19 1.78 10.50
CA ARG A 65 -0.45 3.06 10.27
C ARG A 65 -0.86 4.11 11.26
N PRO A 66 -0.85 3.86 12.59
CA PRO A 66 -1.38 4.81 13.56
C PRO A 66 -0.69 6.13 13.58
N ILE A 67 0.53 6.22 13.21
CA ILE A 67 1.31 7.47 13.23
C ILE A 67 0.93 8.34 12.04
N HIS A 68 0.56 7.73 10.95
CA HIS A 68 0.25 8.40 9.64
C HIS A 68 -1.09 7.99 9.09
N GLY A 69 -2.09 8.01 9.94
CA GLY A 69 -3.41 7.56 9.63
C GLY A 69 -4.43 8.63 9.48
N LEU A 70 -5.67 8.30 9.61
CA LEU A 70 -6.75 9.24 9.42
C LEU A 70 -6.63 10.41 10.39
N ALA A 71 -6.38 10.19 11.68
CA ALA A 71 -6.38 11.32 12.65
C ALA A 71 -5.24 12.32 12.38
N HIS A 72 -4.05 11.85 12.09
CA HIS A 72 -2.89 12.71 11.70
C HIS A 72 -3.34 13.51 10.51
N THR A 73 -3.92 12.87 9.47
CA THR A 73 -4.20 13.53 8.20
C THR A 73 -5.24 14.59 8.48
N MET A 74 -6.36 14.25 9.12
CA MET A 74 -7.42 15.23 9.33
C MET A 74 -7.02 16.35 10.21
N ARG A 75 -6.20 16.12 11.22
CA ARG A 75 -5.72 17.27 12.00
C ARG A 75 -5.02 18.33 11.12
N THR A 76 -4.27 17.91 10.13
CA THR A 76 -3.52 18.86 9.30
C THR A 76 -4.49 19.75 8.55
N LEU A 77 -5.70 19.31 8.21
CA LEU A 77 -6.60 20.17 7.53
C LEU A 77 -7.10 21.27 8.44
N MET A 78 -7.20 21.03 9.73
CA MET A 78 -7.57 22.10 10.67
C MET A 78 -6.52 23.13 10.73
N TYR A 79 -5.27 22.72 10.73
CA TYR A 79 -4.20 23.67 10.89
C TYR A 79 -4.10 24.68 9.73
N SER A 80 -4.29 24.20 8.51
CA SER A 80 -4.14 25.08 7.37
C SER A 80 -5.26 26.13 7.44
N GLN A 81 -6.47 25.78 7.76
CA GLN A 81 -7.53 26.78 7.86
C GLN A 81 -7.19 27.78 8.91
N LEU A 82 -6.64 27.37 10.04
CA LEU A 82 -6.28 28.25 11.13
C LEU A 82 -5.13 29.15 10.74
N MET A 83 -4.10 28.70 10.05
CA MET A 83 -2.95 29.54 9.63
C MET A 83 -3.41 30.52 8.56
N TYR A 84 -4.33 30.15 7.71
CA TYR A 84 -4.82 31.06 6.70
C TYR A 84 -5.46 32.28 7.39
N CYS A 85 -6.25 32.07 8.43
CA CYS A 85 -6.86 33.18 9.19
C CYS A 85 -5.80 34.00 9.79
N SER A 86 -4.77 33.45 10.43
CA SER A 86 -3.74 34.25 11.05
C SER A 86 -2.92 35.01 10.06
N SER A 87 -2.63 34.43 8.87
CA SER A 87 -1.79 35.09 7.84
C SER A 87 -2.39 36.44 7.44
N LYS A 88 -3.68 36.48 7.41
CA LYS A 88 -4.40 37.73 6.95
C LYS A 88 -4.20 38.85 7.89
N LYS A 89 -3.84 38.64 9.14
CA LYS A 89 -3.56 39.69 10.11
C LYS A 89 -2.13 40.21 10.14
N GLN A 90 -1.22 39.60 9.39
CA GLN A 90 0.14 39.93 9.50
C GLN A 90 0.44 41.12 8.58
N PRO A 91 1.30 42.03 9.01
CA PRO A 91 1.69 43.14 8.11
C PRO A 91 2.46 42.76 6.79
N SER A 92 3.29 41.71 6.84
CA SER A 92 4.17 41.29 5.69
C SER A 92 4.22 39.72 5.69
N PRO A 93 3.10 39.16 5.25
CA PRO A 93 3.16 37.68 5.16
C PRO A 93 4.26 37.20 4.26
N HIS A 94 4.69 35.96 4.47
CA HIS A 94 5.88 35.46 3.76
C HIS A 94 5.61 35.32 2.28
N VAL A 95 6.46 35.91 1.43
CA VAL A 95 6.34 35.81 -0.01
C VAL A 95 7.06 34.53 -0.42
N CYS A 96 6.30 33.64 -1.09
CA CYS A 96 6.80 32.39 -1.59
C CYS A 96 7.51 32.54 -2.91
N GLN A 97 8.07 31.48 -3.41
CA GLN A 97 8.95 31.58 -4.59
C GLN A 97 8.19 32.07 -5.79
N ASP A 98 6.89 31.84 -5.83
CA ASP A 98 6.08 32.30 -6.94
C ASP A 98 5.53 33.71 -6.81
N GLY A 99 5.98 34.41 -5.79
CA GLY A 99 5.57 35.80 -5.55
C GLY A 99 4.31 36.06 -4.77
N ARG A 100 3.72 34.96 -4.33
CA ARG A 100 2.42 34.94 -3.67
C ARG A 100 2.54 34.56 -2.21
N THR A 101 1.58 34.97 -1.39
CA THR A 101 1.56 34.69 0.03
C THR A 101 0.30 33.94 0.43
N ILE A 102 0.32 33.37 1.68
CA ILE A 102 -0.89 32.69 2.16
C ILE A 102 -2.08 33.61 2.15
N ALA A 103 -1.84 34.90 2.46
CA ALA A 103 -2.94 35.88 2.54
C ALA A 103 -3.46 36.09 1.12
N ASP A 104 -2.82 35.70 0.06
CA ASP A 104 -3.25 35.77 -1.33
C ASP A 104 -4.29 34.65 -1.71
N LEU A 105 -4.37 33.61 -0.83
CA LEU A 105 -5.27 32.51 -1.08
C LEU A 105 -6.70 32.91 -0.82
N SER A 106 -7.62 32.19 -1.45
CA SER A 106 -9.04 32.36 -1.13
C SER A 106 -9.55 31.26 -0.26
N GLU A 107 -10.81 31.33 0.19
CA GLU A 107 -11.44 30.22 0.92
C GLU A 107 -11.58 29.03 0.00
N LEU A 108 -11.82 29.17 -1.27
CA LEU A 108 -11.98 28.11 -2.20
C LEU A 108 -10.59 27.43 -2.34
N ASP A 109 -9.51 28.19 -2.41
CA ASP A 109 -8.16 27.57 -2.43
C ASP A 109 -7.94 26.79 -1.14
N LEU A 110 -8.41 27.21 0.00
CA LEU A 110 -8.24 26.43 1.24
C LEU A 110 -8.98 25.08 1.13
N LYS A 111 -10.17 25.05 0.54
CA LYS A 111 -10.86 23.81 0.30
C LYS A 111 -10.03 22.87 -0.53
N LYS A 112 -9.42 23.33 -1.59
CA LYS A 112 -8.62 22.56 -2.52
C LYS A 112 -7.34 22.08 -1.78
N ILE A 113 -6.74 22.98 -1.03
CA ILE A 113 -5.60 22.64 -0.17
C ILE A 113 -6.00 21.50 0.80
N ASN A 114 -7.13 21.60 1.48
CA ASN A 114 -7.60 20.54 2.40
C ASN A 114 -7.71 19.26 1.65
N ILE A 115 -8.29 19.20 0.44
CA ILE A 115 -8.41 17.97 -0.30
C ILE A 115 -7.04 17.42 -0.63
N ALA A 116 -6.06 18.24 -1.09
CA ALA A 116 -4.75 17.71 -1.33
C ALA A 116 -4.10 17.21 -0.08
N GLN A 117 -4.32 17.85 1.06
CA GLN A 117 -3.73 17.45 2.33
C GLN A 117 -4.20 16.03 2.70
N LEU A 118 -5.39 15.65 2.27
CA LEU A 118 -5.81 14.32 2.63
C LEU A 118 -4.98 13.27 1.96
N PHE A 119 -4.27 13.52 0.87
CA PHE A 119 -3.37 12.58 0.22
C PHE A 119 -1.92 12.72 0.64
N PHE A 120 -1.60 13.69 1.49
CA PHE A 120 -0.17 14.01 1.67
C PHE A 120 0.67 12.83 2.17
N VAL A 121 0.16 12.03 3.07
CA VAL A 121 0.87 10.81 3.52
C VAL A 121 0.22 9.49 3.09
N ALA A 122 -0.74 9.59 2.19
CA ALA A 122 -1.52 8.45 1.78
C ALA A 122 -0.71 7.40 1.03
N GLY A 123 0.36 7.83 0.41
CA GLY A 123 1.22 6.93 -0.32
C GLY A 123 2.27 6.16 0.49
N ARG A 124 2.36 6.46 1.78
CA ARG A 124 3.32 5.77 2.64
C ARG A 124 3.07 4.27 2.71
N GLU A 125 4.14 3.48 2.71
CA GLU A 125 4.04 2.04 2.78
C GLU A 125 4.77 1.47 3.98
N SER A 126 5.26 2.36 4.84
CA SER A 126 5.79 1.98 6.15
C SER A 126 6.15 3.22 6.97
N GLU A 127 6.69 3.06 8.16
CA GLU A 127 7.23 4.19 8.94
C GLU A 127 8.70 4.48 8.54
N ALA A 128 9.22 3.96 7.47
CA ALA A 128 10.61 4.22 7.09
C ALA A 128 10.82 5.73 6.99
N SER A 129 11.99 6.09 7.55
CA SER A 129 12.34 7.49 7.93
C SER A 129 13.23 8.15 6.81
N TYR A 130 13.97 7.35 6.11
CA TYR A 130 15.01 7.82 5.23
C TYR A 130 14.56 8.37 3.90
N GLY A 131 15.43 9.15 3.27
CA GLY A 131 15.02 9.93 2.11
C GLY A 131 14.43 9.16 0.96
N ASP A 132 15.07 8.10 0.59
CA ASP A 132 14.63 7.34 -0.51
C ASP A 132 13.19 6.85 -0.32
N ALA A 133 12.91 6.39 0.86
CA ALA A 133 11.54 5.88 1.20
C ALA A 133 10.56 7.07 1.24
N TYR A 134 10.91 8.15 1.91
CA TYR A 134 10.08 9.38 1.98
C TYR A 134 9.67 9.78 0.58
N HIS A 135 10.62 9.94 -0.30
CA HIS A 135 10.37 10.47 -1.63
C HIS A 135 9.53 9.52 -2.48
N ARG A 136 9.77 8.19 -2.40
CA ARG A 136 8.91 7.23 -3.06
C ARG A 136 7.48 7.33 -2.54
N TYR A 137 7.30 7.41 -1.25
CA TYR A 137 5.97 7.48 -0.64
C TYR A 137 5.19 8.73 -1.06
N HIS A 138 5.92 9.84 -1.18
CA HIS A 138 5.27 11.11 -1.62
C HIS A 138 4.95 11.07 -3.11
N LEU A 139 5.78 10.41 -3.94
CA LEU A 139 5.46 10.22 -5.32
C LEU A 139 4.23 9.34 -5.40
N TYR A 140 4.17 8.26 -4.65
CA TYR A 140 3.00 7.44 -4.69
C TYR A 140 1.72 8.20 -4.29
N GLY A 141 1.77 9.01 -3.24
CA GLY A 141 0.55 9.76 -2.81
C GLY A 141 0.18 10.77 -3.87
N ALA A 142 1.13 11.41 -4.48
CA ALA A 142 0.85 12.42 -5.55
C ALA A 142 0.12 11.75 -6.69
N LYS A 143 0.50 10.52 -7.06
CA LYS A 143 -0.16 9.81 -8.15
C LYS A 143 -1.48 9.25 -7.73
N GLN A 144 -1.66 8.89 -6.50
CA GLN A 144 -2.98 8.50 -5.97
C GLN A 144 -3.93 9.69 -5.98
N PHE A 145 -3.47 10.90 -5.64
CA PHE A 145 -4.27 12.09 -5.79
C PHE A 145 -4.57 12.37 -7.27
N GLU A 146 -3.63 12.31 -8.17
CA GLU A 146 -3.91 12.66 -9.58
C GLU A 146 -4.92 11.69 -10.12
N GLU A 147 -4.78 10.41 -9.89
CA GLU A 147 -5.73 9.46 -10.45
C GLU A 147 -7.15 9.74 -9.96
N TYR A 148 -7.27 9.94 -8.68
CA TYR A 148 -8.56 10.21 -8.08
C TYR A 148 -9.11 11.51 -8.66
N ALA A 149 -8.32 12.55 -8.69
CA ALA A 149 -8.77 13.95 -9.06
C ALA A 149 -9.22 13.94 -10.51
N ARG A 150 -8.54 13.25 -11.40
CA ARG A 150 -8.93 13.33 -12.81
C ARG A 150 -10.24 12.61 -13.04
N LYS A 151 -10.57 11.64 -12.21
CA LYS A 151 -11.83 10.87 -12.35
C LYS A 151 -12.94 11.54 -11.58
N HIS A 152 -12.70 12.10 -10.38
CA HIS A 152 -13.77 12.47 -9.49
C HIS A 152 -13.88 13.96 -9.15
N LEU A 153 -12.83 14.77 -9.44
CA LEU A 153 -12.74 16.12 -8.96
C LEU A 153 -12.67 17.20 -10.06
N THR A 154 -12.94 16.83 -11.29
CA THR A 154 -12.75 17.83 -12.36
C THR A 154 -13.79 18.92 -12.33
N HIS A 155 -14.90 18.71 -11.63
CA HIS A 155 -15.79 19.83 -11.34
C HIS A 155 -15.34 20.90 -10.42
N LEU A 156 -14.22 20.62 -9.72
CA LEU A 156 -13.70 21.46 -8.69
C LEU A 156 -12.25 21.92 -9.02
N PHE A 157 -11.43 21.03 -9.54
CA PHE A 157 -10.05 21.35 -9.83
C PHE A 157 -9.85 21.42 -11.34
N SER A 158 -9.16 22.46 -11.78
CA SER A 158 -8.68 22.50 -13.11
C SER A 158 -7.47 21.66 -13.37
N GLU A 159 -7.07 21.43 -14.59
CA GLU A 159 -5.88 20.65 -14.86
C GLU A 159 -4.64 21.27 -14.23
N GLU A 160 -4.53 22.58 -14.27
CA GLU A 160 -3.36 23.29 -13.68
C GLU A 160 -3.37 23.04 -12.20
N GLU A 161 -4.51 23.12 -11.56
CA GLU A 161 -4.63 22.85 -10.15
C GLU A 161 -4.29 21.39 -9.85
N ILE A 162 -4.73 20.44 -10.64
CA ILE A 162 -4.37 19.05 -10.33
C ILE A 162 -2.83 18.93 -10.34
N ARG A 163 -2.21 19.56 -11.34
CA ARG A 163 -0.72 19.50 -11.47
C ARG A 163 -0.06 20.16 -10.23
N LEU A 164 -0.52 21.33 -9.83
CA LEU A 164 0.01 22.03 -8.66
C LEU A 164 -0.05 21.15 -7.43
N TYR A 165 -1.29 20.68 -7.11
CA TYR A 165 -1.48 19.97 -5.84
C TYR A 165 -0.77 18.60 -5.87
N SER A 166 -0.72 17.94 -7.01
CA SER A 166 0.06 16.75 -7.15
C SER A 166 1.51 17.03 -6.81
N ARG A 167 2.05 18.12 -7.33
CA ARG A 167 3.45 18.45 -7.04
C ARG A 167 3.70 18.84 -5.58
N CYS A 168 2.72 19.48 -4.97
CA CYS A 168 2.77 19.78 -3.54
C CYS A 168 2.91 18.46 -2.75
N ILE A 169 2.13 17.46 -3.09
CA ILE A 169 2.20 16.19 -2.35
C ILE A 169 3.52 15.47 -2.71
N GLU A 170 3.94 15.55 -3.96
CA GLU A 170 5.15 14.76 -4.40
C GLU A 170 6.37 15.21 -3.64
N ASP A 171 6.56 16.51 -3.37
CA ASP A 171 7.72 16.98 -2.60
C ASP A 171 9.00 16.34 -3.19
N ARG A 172 9.21 16.62 -4.46
CA ARG A 172 10.34 16.13 -5.21
C ARG A 172 11.65 16.62 -4.63
N VAL A 173 12.68 15.80 -4.72
CA VAL A 173 14.01 16.23 -4.36
C VAL A 173 14.31 17.51 -5.14
N GLY A 174 14.74 18.53 -4.42
CA GLY A 174 15.02 19.80 -5.03
C GLY A 174 13.96 20.88 -4.86
N ASP A 175 12.75 20.46 -4.55
CA ASP A 175 11.66 21.41 -4.42
C ASP A 175 11.90 22.30 -3.24
N SER A 176 11.40 23.53 -3.32
CA SER A 176 11.43 24.53 -2.26
C SER A 176 10.30 24.35 -1.24
N PHE A 177 10.59 24.55 0.05
CA PHE A 177 9.61 24.45 1.09
C PHE A 177 8.51 25.49 0.87
N ASP A 178 8.92 26.64 0.38
CA ASP A 178 8.00 27.75 0.15
C ASP A 178 7.82 28.06 -1.34
N GLY A 179 7.68 27.03 -2.17
CA GLY A 179 7.60 27.27 -3.58
C GLY A 179 6.34 28.05 -3.95
N THR A 180 5.22 27.76 -3.30
CA THR A 180 3.93 28.34 -3.51
C THR A 180 3.27 28.44 -2.14
N PRO A 181 2.30 29.35 -1.93
CA PRO A 181 1.62 29.37 -0.66
C PRO A 181 0.82 28.07 -0.32
N GLU A 182 0.32 27.51 -1.39
CA GLU A 182 -0.34 26.18 -1.24
C GLU A 182 0.57 25.16 -0.67
N GLY A 183 1.78 25.02 -1.25
CA GLY A 183 2.61 24.01 -0.75
C GLY A 183 3.21 24.37 0.59
N TYR A 184 3.52 25.64 0.84
CA TYR A 184 4.03 26.13 2.10
C TYR A 184 3.09 25.76 3.25
N ILE A 185 1.81 26.06 3.05
CA ILE A 185 0.86 25.81 4.11
C ILE A 185 0.62 24.32 4.36
N ILE A 186 0.79 23.56 3.29
CA ILE A 186 0.76 22.08 3.45
C ILE A 186 1.90 21.58 4.29
N HIS A 187 3.07 22.11 3.99
CA HIS A 187 4.24 21.70 4.74
C HIS A 187 4.20 22.16 6.18
N LEU A 188 3.73 23.43 6.43
CA LEU A 188 3.64 23.94 7.75
C LEU A 188 2.65 23.14 8.60
N SER A 189 1.53 22.71 7.98
CA SER A 189 0.54 21.98 8.69
C SER A 189 1.09 20.61 9.10
N HIS A 190 1.82 19.97 8.21
CA HIS A 190 2.46 18.69 8.55
C HIS A 190 3.46 18.93 9.70
N MET A 191 4.19 20.00 9.67
N MET A 191 4.25 20.00 9.57
CA MET A 191 5.14 20.15 10.77
CA MET A 191 5.23 20.41 10.64
C MET A 191 4.52 20.41 12.09
C MET A 191 4.58 20.47 12.02
N ILE A 192 3.42 21.13 12.12
CA ILE A 192 2.71 21.32 13.36
C ILE A 192 2.44 19.96 13.99
N ASP A 193 1.94 19.02 13.20
CA ASP A 193 1.52 17.75 13.78
C ASP A 193 2.69 16.94 14.33
N LEU A 194 3.88 17.22 13.85
CA LEU A 194 5.13 16.59 14.36
C LEU A 194 5.35 16.82 15.79
N MET A 195 4.77 17.84 16.39
CA MET A 195 4.93 18.12 17.81
C MET A 195 4.59 16.96 18.68
N ARG A 196 3.72 16.14 18.23
CA ARG A 196 3.30 15.08 19.12
C ARG A 196 4.38 14.02 19.30
N CYS A 197 5.39 13.97 18.45
CA CYS A 197 6.38 12.86 18.43
C CYS A 197 7.85 13.27 18.44
N LYS A 198 8.13 14.58 18.49
CA LYS A 198 9.47 15.01 18.33
C LYS A 198 9.95 15.60 19.65
N SER A 199 11.27 15.67 19.79
CA SER A 199 11.86 16.11 21.05
C SER A 199 11.74 17.62 21.26
N PRO A 200 11.90 18.12 22.45
CA PRO A 200 11.84 19.56 22.62
C PRO A 200 12.94 20.25 21.86
N VAL A 201 13.99 19.51 21.58
CA VAL A 201 15.06 20.06 20.74
C VAL A 201 14.49 20.51 19.41
N GLU A 202 13.86 19.59 18.70
CA GLU A 202 13.22 19.92 17.43
C GLU A 202 12.05 20.88 17.53
N VAL A 203 11.26 20.78 18.57
CA VAL A 203 10.06 21.58 18.68
C VAL A 203 10.39 23.05 19.05
N PHE A 204 11.33 23.22 19.98
CA PHE A 204 11.58 24.58 20.55
C PHE A 204 12.91 25.18 20.16
N LEU A 205 13.94 24.35 20.07
CA LEU A 205 15.36 24.83 20.10
C LEU A 205 15.94 24.93 18.71
N GLY A 206 15.51 24.04 17.84
CA GLY A 206 16.01 23.99 16.50
C GLY A 206 17.46 23.63 16.46
N VAL A 211 18.51 25.10 11.35
CA VAL A 211 17.06 25.14 11.26
C VAL A 211 16.38 25.78 12.46
N SER A 212 15.22 26.30 12.20
CA SER A 212 14.35 26.87 13.24
C SER A 212 13.39 25.79 13.87
N GLY A 213 13.19 25.85 15.16
CA GLY A 213 12.22 24.92 15.82
C GLY A 213 10.83 25.15 15.27
N ILE A 214 10.00 24.19 15.51
CA ILE A 214 8.68 24.28 14.98
C ILE A 214 7.84 25.50 15.57
N VAL A 215 7.90 25.62 16.88
CA VAL A 215 7.17 26.64 17.59
C VAL A 215 7.79 28.01 17.28
N PRO A 216 9.12 28.15 17.33
CA PRO A 216 9.65 29.45 16.86
C PRO A 216 9.31 29.85 15.43
N THR A 217 9.21 28.90 14.51
CA THR A 217 8.72 29.20 13.18
C THR A 217 7.33 29.77 13.19
N LEU A 218 6.39 29.16 13.94
CA LEU A 218 5.01 29.65 14.08
C LEU A 218 5.01 31.10 14.62
N ILE A 219 5.86 31.30 15.63
CA ILE A 219 5.90 32.65 16.26
C ILE A 219 6.51 33.67 15.25
N HIS A 220 7.52 33.27 14.50
CA HIS A 220 8.13 34.19 13.44
C HIS A 220 7.05 34.58 12.43
N LEU A 221 6.19 33.62 12.03
CA LEU A 221 5.21 33.88 10.98
C LEU A 221 3.96 34.51 11.46
N PHE A 222 3.45 34.19 12.65
CA PHE A 222 2.16 34.58 13.06
C PHE A 222 2.08 35.47 14.31
N GLY A 223 3.28 35.71 14.84
CA GLY A 223 3.39 36.47 16.10
C GLY A 223 3.33 35.53 17.28
N LYS A 224 3.84 35.97 18.42
CA LYS A 224 3.89 35.09 19.55
C LYS A 224 2.52 34.70 20.02
N GLN A 225 1.51 35.53 20.07
CA GLN A 225 0.21 35.15 20.57
C GLN A 225 -0.42 34.09 19.67
N ASP A 226 -0.52 34.37 18.39
CA ASP A 226 -1.18 33.42 17.47
C ASP A 226 -0.35 32.15 17.40
N GLY A 227 0.95 32.28 17.33
CA GLY A 227 1.82 31.08 17.25
C GLY A 227 1.59 30.15 18.42
N LEU A 228 1.66 30.66 19.63
CA LEU A 228 1.39 29.82 20.79
C LEU A 228 -0.03 29.36 20.80
N ASP A 229 -0.99 30.09 20.30
CA ASP A 229 -2.39 29.63 20.29
C ASP A 229 -2.51 28.40 19.28
N ILE A 230 -1.82 28.51 18.13
CA ILE A 230 -1.83 27.41 17.19
C ILE A 230 -1.21 26.18 17.85
N MET A 231 -0.10 26.33 18.57
CA MET A 231 0.54 25.20 19.29
C MET A 231 -0.47 24.60 20.26
N HIS A 232 -1.13 25.42 21.08
CA HIS A 232 -2.09 24.90 22.05
C HIS A 232 -3.27 24.19 21.41
N TYR A 233 -3.76 24.74 20.27
CA TYR A 233 -4.90 24.16 19.60
C TYR A 233 -4.46 22.74 19.11
N ALA A 234 -3.31 22.62 18.51
CA ALA A 234 -2.79 21.35 18.05
C ALA A 234 -2.79 20.37 19.18
N ARG A 235 -2.28 20.81 20.32
CA ARG A 235 -2.18 19.95 21.48
C ARG A 235 -3.56 19.51 21.96
N GLY A 236 -4.53 20.39 21.85
CA GLY A 236 -5.96 20.05 22.05
C GLY A 236 -6.44 18.96 21.07
N LEU A 237 -6.10 19.10 19.82
CA LEU A 237 -6.51 18.07 18.88
C LEU A 237 -5.80 16.76 19.14
N PHE A 238 -4.55 16.73 19.57
CA PHE A 238 -3.86 15.49 19.97
C PHE A 238 -4.72 14.85 21.06
N ALA A 239 -5.07 15.60 22.12
CA ALA A 239 -5.83 14.97 23.23
C ALA A 239 -7.17 14.47 22.75
N ALA A 240 -7.88 15.20 21.88
CA ALA A 240 -9.20 14.83 21.48
C ALA A 240 -9.16 13.58 20.63
N THR A 241 -8.07 13.32 19.96
CA THR A 241 -7.94 12.19 19.07
C THR A 241 -7.24 11.04 19.81
N GLY A 242 -6.97 11.19 21.08
CA GLY A 242 -6.39 10.08 21.85
C GLY A 242 -4.93 9.96 21.88
N GLU A 243 -4.16 10.87 21.28
CA GLU A 243 -2.77 10.81 21.22
C GLU A 243 -2.15 11.25 22.58
N ALA A 244 -1.04 10.64 22.91
CA ALA A 244 -0.20 11.15 24.03
C ALA A 244 0.18 12.62 23.71
N VAL A 245 0.10 13.48 24.74
CA VAL A 245 0.43 14.96 24.60
C VAL A 245 1.69 15.15 25.36
N PRO A 246 2.78 15.57 24.74
CA PRO A 246 4.04 15.66 25.46
C PRO A 246 3.98 16.78 26.46
N TYR A 247 4.62 16.58 27.63
CA TYR A 247 4.79 17.74 28.46
C TYR A 247 5.75 18.75 27.85
N ILE A 248 5.61 19.98 28.29
CA ILE A 248 6.57 21.05 27.93
C ILE A 248 7.10 21.59 29.33
N ASP A 249 8.41 21.63 29.44
CA ASP A 249 9.06 22.26 30.70
C ASP A 249 10.37 22.91 30.25
N SER A 250 10.31 24.23 30.09
CA SER A 250 11.47 24.92 29.70
C SER A 250 12.63 24.91 30.70
N SER A 251 12.28 24.61 31.94
CA SER A 251 13.35 24.45 32.93
C SER A 251 14.27 23.36 32.59
N GLU A 252 13.84 22.37 31.75
CA GLU A 252 14.70 21.31 31.32
C GLU A 252 15.62 21.67 30.12
N TRP A 253 15.29 22.74 29.41
CA TRP A 253 15.99 23.05 28.13
C TRP A 253 17.48 23.20 28.26
N PRO A 254 17.98 23.81 29.37
CA PRO A 254 19.45 23.85 29.54
C PRO A 254 20.12 22.54 29.80
N HIS A 255 19.36 21.47 30.04
CA HIS A 255 19.88 20.17 30.41
C HIS A 255 19.78 19.14 29.32
N LEU A 256 19.62 19.57 28.08
CA LEU A 256 19.43 18.64 27.02
C LEU A 256 20.65 18.42 26.13
N GLY A 257 21.78 19.02 26.47
CA GLY A 257 23.00 18.89 25.66
C GLY A 257 23.06 19.79 24.44
N VAL A 258 22.19 20.78 24.38
CA VAL A 258 22.20 21.78 23.34
C VAL A 258 22.99 22.94 23.90
N ASP A 259 23.65 23.67 23.02
CA ASP A 259 24.46 24.78 23.51
C ASP A 259 23.56 25.88 24.02
N LEU A 260 24.14 26.64 24.90
CA LEU A 260 23.40 27.60 25.69
C LEU A 260 22.83 28.75 24.88
N SER A 261 23.59 29.19 23.90
CA SER A 261 23.13 30.24 23.07
C SER A 261 21.80 29.89 22.33
N ARG A 262 21.66 28.61 21.94
CA ARG A 262 20.40 28.16 21.29
C ARG A 262 19.23 28.14 22.27
N VAL A 263 19.56 27.71 23.47
CA VAL A 263 18.54 27.72 24.59
C VAL A 263 18.09 29.15 24.88
N GLN A 264 19.06 30.11 25.01
CA GLN A 264 18.69 31.45 25.20
C GLN A 264 17.83 32.07 24.14
N ARG A 265 18.14 31.75 22.90
CA ARG A 265 17.40 32.25 21.77
C ARG A 265 15.97 31.72 21.90
N ALA A 266 15.84 30.42 22.19
CA ALA A 266 14.49 29.85 22.26
C ALA A 266 13.64 30.48 23.38
N LEU A 267 14.27 30.70 24.54
CA LEU A 267 13.60 31.36 25.59
C LEU A 267 13.21 32.81 25.34
N SER A 268 14.06 33.51 24.57
CA SER A 268 13.76 34.84 24.12
C SER A 268 12.62 34.93 23.16
N ILE A 269 12.38 33.85 22.38
CA ILE A 269 11.27 33.83 21.37
C ILE A 269 9.95 33.30 21.96
N VAL A 270 10.09 32.19 22.70
CA VAL A 270 8.91 31.46 23.21
C VAL A 270 8.51 31.89 24.55
N GLY A 271 9.50 32.29 25.36
CA GLY A 271 9.24 32.52 26.76
C GLY A 271 9.36 31.26 27.60
N ASP A 272 9.38 31.46 28.92
CA ASP A 272 9.29 30.31 29.80
C ASP A 272 7.98 29.65 29.55
N ILE A 273 7.97 28.31 29.71
CA ILE A 273 6.76 27.60 29.36
C ILE A 273 6.72 26.24 30.11
N ASN A 274 5.54 26.02 30.73
CA ASN A 274 5.23 24.76 31.44
C ASN A 274 3.83 24.34 31.20
N VAL A 275 3.69 23.19 30.57
CA VAL A 275 2.41 22.61 30.19
C VAL A 275 2.47 21.16 30.47
N PRO A 276 1.51 20.60 31.24
CA PRO A 276 1.59 19.20 31.46
C PRO A 276 1.26 18.32 30.25
N GLY A 277 1.81 17.13 30.32
CA GLY A 277 1.52 16.04 29.36
C GLY A 277 0.21 15.36 29.69
N GLN A 278 -0.20 14.49 28.76
CA GLN A 278 -1.36 13.59 28.92
C GLN A 278 -0.93 12.25 28.33
N GLU A 279 -1.41 11.15 28.94
CA GLU A 279 -1.22 9.83 28.37
C GLU A 279 -2.19 9.64 27.14
N ALA A 280 -1.80 8.72 26.30
CA ALA A 280 -2.73 8.25 25.20
C ALA A 280 -4.00 7.64 25.76
N ASP A 281 -5.06 7.70 25.00
CA ASP A 281 -6.35 7.13 25.33
C ASP A 281 -6.72 6.21 24.19
N SER A 282 -6.74 4.92 24.43
CA SER A 282 -7.05 3.95 23.39
C SER A 282 -8.43 4.15 22.79
N LYS A 283 -9.48 4.39 23.55
CA LYS A 283 -10.78 4.51 23.00
C LYS A 283 -10.87 5.71 22.04
N LYS A 284 -10.33 6.88 22.50
CA LYS A 284 -10.35 8.04 21.59
C LYS A 284 -9.44 7.81 20.35
N THR A 285 -8.37 7.07 20.48
CA THR A 285 -7.52 6.75 19.34
C THR A 285 -8.28 5.98 18.30
N ALA A 286 -9.08 4.97 18.75
CA ALA A 286 -9.86 4.21 17.83
C ALA A 286 -10.97 4.98 17.22
N GLN A 287 -11.65 5.77 18.02
CA GLN A 287 -12.76 6.53 17.48
C GLN A 287 -12.31 7.48 16.35
N ALA A 288 -11.17 8.12 16.55
CA ALA A 288 -10.64 9.03 15.57
C ALA A 288 -9.94 8.35 14.42
N GLY A 289 -9.53 7.10 14.61
CA GLY A 289 -8.81 6.38 13.60
C GLY A 289 -9.62 5.54 12.66
N PHE A 290 -10.83 5.14 13.06
CA PHE A 290 -11.58 4.18 12.29
C PHE A 290 -12.74 4.74 11.46
N SER A 291 -13.02 6.05 11.50
CA SER A 291 -13.98 6.62 10.60
C SER A 291 -13.80 8.14 10.50
N VAL A 292 -14.19 8.63 9.33
CA VAL A 292 -14.17 10.04 9.09
C VAL A 292 -15.08 10.78 10.02
N ASP A 293 -16.31 10.27 10.19
CA ASP A 293 -17.19 10.97 11.08
C ASP A 293 -16.74 10.99 12.49
N GLY A 294 -16.18 9.89 12.99
CA GLY A 294 -15.64 9.84 14.32
C GLY A 294 -14.50 10.82 14.57
N CYS A 295 -13.66 10.84 13.53
CA CYS A 295 -12.49 11.81 13.61
C CYS A 295 -12.97 13.24 13.58
N TYR A 296 -13.82 13.55 12.64
CA TYR A 296 -14.33 14.94 12.55
C TYR A 296 -15.06 15.38 13.80
N SER A 297 -15.85 14.49 14.39
CA SER A 297 -16.49 14.85 15.70
C SER A 297 -15.50 15.18 16.77
N ALA A 298 -14.45 14.38 16.87
CA ALA A 298 -13.41 14.62 17.85
C ALA A 298 -12.71 15.98 17.59
N LEU A 299 -12.39 16.26 16.33
CA LEU A 299 -11.71 17.54 16.01
C LEU A 299 -12.60 18.74 16.33
N THR A 300 -13.92 18.58 16.04
CA THR A 300 -14.89 19.69 16.32
C THR A 300 -15.05 19.97 17.76
N SER A 301 -14.76 19.01 18.64
CA SER A 301 -14.94 19.20 20.07
C SER A 301 -13.94 20.17 20.68
N VAL A 302 -12.86 20.47 19.97
CA VAL A 302 -11.82 21.34 20.47
C VAL A 302 -12.08 22.80 20.12
N PRO A 303 -12.18 23.67 21.13
CA PRO A 303 -12.44 25.04 20.79
C PRO A 303 -11.28 25.65 20.01
N THR A 304 -11.67 26.48 19.04
CA THR A 304 -10.71 27.16 18.20
C THR A 304 -10.19 28.41 18.96
N PRO A 305 -9.03 28.96 18.58
CA PRO A 305 -8.57 30.20 19.19
C PRO A 305 -9.62 31.29 19.03
N SER A 306 -9.66 32.18 20.06
CA SER A 306 -10.64 33.28 20.09
C SER A 306 -10.64 34.11 18.84
N TRP A 307 -9.48 34.25 18.20
CA TRP A 307 -9.33 35.09 17.01
C TRP A 307 -9.70 34.38 15.71
N TYR A 308 -10.03 33.08 15.73
CA TYR A 308 -10.36 32.42 14.48
C TYR A 308 -11.68 32.89 13.80
N MET B 2 -9.90 -16.56 -29.90
CA MET B 2 -10.29 -17.92 -29.49
C MET B 2 -10.32 -18.06 -27.98
N PRO B 3 -11.34 -18.69 -27.44
CA PRO B 3 -11.41 -18.66 -25.97
C PRO B 3 -10.52 -19.75 -25.31
N ILE B 4 -10.09 -19.45 -24.08
CA ILE B 4 -9.36 -20.45 -23.26
C ILE B 4 -10.45 -21.17 -22.49
N ILE B 5 -10.52 -22.49 -22.64
CA ILE B 5 -11.59 -23.22 -22.12
C ILE B 5 -11.17 -24.04 -20.86
N LEU B 6 -11.96 -23.99 -19.83
CA LEU B 6 -11.88 -24.91 -18.66
C LEU B 6 -13.04 -25.88 -18.73
N ASP B 7 -12.73 -27.13 -19.02
CA ASP B 7 -13.75 -28.13 -19.22
C ASP B 7 -14.47 -28.65 -17.99
N SER B 8 -15.45 -29.52 -18.18
CA SER B 8 -16.26 -29.91 -17.08
C SER B 8 -15.48 -30.62 -15.99
N ASP B 9 -14.43 -31.34 -16.34
CA ASP B 9 -13.62 -32.02 -15.35
C ASP B 9 -12.89 -30.97 -14.48
N VAL B 10 -12.35 -29.96 -15.11
CA VAL B 10 -11.60 -28.92 -14.36
C VAL B 10 -12.55 -28.20 -13.47
N LEU B 11 -13.74 -27.78 -13.96
CA LEU B 11 -14.64 -27.04 -13.16
C LEU B 11 -15.23 -27.86 -11.97
N GLU B 12 -15.37 -29.19 -12.14
CA GLU B 12 -15.77 -30.06 -11.08
C GLU B 12 -14.76 -30.01 -9.85
N VAL B 13 -13.49 -30.03 -10.25
CA VAL B 13 -12.44 -29.92 -9.16
C VAL B 13 -12.53 -28.53 -8.56
N ALA B 14 -12.75 -27.51 -9.42
CA ALA B 14 -12.85 -26.15 -8.88
C ALA B 14 -13.91 -26.03 -7.82
N GLU B 15 -15.08 -26.67 -8.10
CA GLU B 15 -16.17 -26.66 -7.13
C GLU B 15 -15.79 -27.27 -5.76
N TYR B 16 -15.07 -28.41 -5.86
CA TYR B 16 -14.55 -29.08 -4.66
C TYR B 16 -13.60 -28.20 -3.85
N VAL B 17 -12.66 -27.56 -4.56
CA VAL B 17 -11.68 -26.73 -3.87
C VAL B 17 -12.37 -25.52 -3.24
N TYR B 18 -13.35 -24.97 -3.99
CA TYR B 18 -14.01 -23.80 -3.48
C TYR B 18 -14.77 -24.20 -2.21
N LYS B 19 -15.56 -25.27 -2.29
CA LYS B 19 -16.39 -25.70 -1.17
C LYS B 19 -15.56 -26.04 0.07
N THR B 20 -14.47 -26.81 -0.12
CA THR B 20 -13.76 -27.30 1.02
C THR B 20 -12.66 -26.38 1.61
N ARG B 21 -12.18 -25.44 0.78
CA ARG B 21 -11.00 -24.65 1.14
C ARG B 21 -11.17 -23.15 0.87
N LEU B 22 -11.43 -22.81 -0.40
CA LEU B 22 -11.33 -21.37 -0.75
C LEU B 22 -12.43 -20.50 -0.20
N SER B 23 -13.53 -21.12 0.10
CA SER B 23 -14.63 -20.38 0.76
C SER B 23 -14.47 -20.35 2.21
N GLN B 24 -13.52 -21.02 2.81
CA GLN B 24 -13.45 -21.15 4.25
C GLN B 24 -12.71 -20.02 4.91
N PRO B 25 -13.08 -19.61 6.13
CA PRO B 25 -12.32 -18.64 6.85
C PRO B 25 -10.87 -19.12 7.10
N TYR B 26 -9.97 -18.15 7.13
CA TYR B 26 -8.61 -18.40 7.60
C TYR B 26 -8.66 -18.68 9.12
N THR B 27 -7.82 -19.59 9.56
CA THR B 27 -7.79 -20.02 10.96
C THR B 27 -6.57 -19.61 11.74
N GLU B 28 -5.47 -19.20 11.12
CA GLU B 28 -4.29 -18.79 11.88
C GLU B 28 -4.32 -17.29 12.03
N VAL B 29 -5.27 -16.88 12.84
CA VAL B 29 -5.68 -15.47 12.97
C VAL B 29 -5.95 -15.19 14.45
N GLY B 30 -5.99 -13.92 14.79
CA GLY B 30 -6.30 -13.47 16.13
C GLY B 30 -5.11 -12.97 16.88
N SER B 31 -5.32 -12.63 18.14
CA SER B 31 -4.25 -12.08 18.94
C SER B 31 -3.13 -13.06 19.17
N GLU B 32 -3.46 -14.35 19.18
CA GLU B 32 -2.48 -15.40 19.34
C GLU B 32 -1.48 -15.50 18.18
N TRP B 33 -1.76 -14.81 17.09
CA TRP B 33 -0.92 -14.86 15.86
C TRP B 33 -0.30 -13.49 15.45
N GLU B 34 -0.28 -12.54 16.37
CA GLU B 34 0.41 -11.27 16.16
C GLU B 34 1.92 -11.40 16.37
N TYR B 35 2.69 -10.54 15.77
CA TYR B 35 4.12 -10.61 15.82
C TYR B 35 4.73 -9.23 16.00
N ASN B 36 5.85 -9.18 16.67
CA ASN B 36 6.57 -7.94 17.00
C ASN B 36 8.04 -8.15 16.67
N TYR B 37 8.61 -7.33 15.81
CA TYR B 37 10.02 -7.47 15.34
C TYR B 37 11.02 -6.89 16.36
N LYS B 38 10.58 -5.92 17.17
CA LYS B 38 11.44 -5.17 18.12
C LYS B 38 11.65 -5.97 19.41
N ASN B 39 10.56 -6.56 19.92
CA ASN B 39 10.57 -7.32 21.20
C ASN B 39 9.87 -8.67 21.01
N PRO B 40 10.58 -9.80 21.22
CA PRO B 40 9.81 -11.07 21.22
C PRO B 40 8.62 -11.02 22.19
N THR B 41 7.58 -11.79 21.90
CA THR B 41 6.42 -11.83 22.75
C THR B 41 5.90 -13.24 22.64
N ALA B 42 4.95 -13.53 23.52
CA ALA B 42 4.21 -14.83 23.42
C ALA B 42 3.32 -14.71 22.16
N THR B 43 3.41 -15.72 21.27
CA THR B 43 2.61 -15.80 20.06
C THR B 43 2.94 -17.19 19.43
N PHE B 44 2.03 -17.57 18.57
CA PHE B 44 2.23 -18.69 17.68
C PHE B 44 2.94 -18.31 16.38
N ALA B 45 2.92 -17.04 16.04
CA ALA B 45 3.48 -16.60 14.78
C ALA B 45 4.97 -16.62 14.79
N LYS B 46 5.58 -16.71 13.59
CA LYS B 46 7.03 -16.55 13.47
C LYS B 46 7.34 -15.40 12.47
N GLY B 47 6.35 -14.59 12.19
CA GLY B 47 6.51 -13.47 11.35
C GLY B 47 5.17 -12.76 11.19
N ASP B 48 5.06 -11.77 10.31
CA ASP B 48 3.91 -10.95 10.14
C ASP B 48 2.87 -11.49 9.20
N GLY B 49 1.77 -10.79 9.08
CA GLY B 49 0.79 -11.06 8.06
C GLY B 49 -0.52 -11.80 8.41
N HIS B 50 -0.50 -12.41 9.63
CA HIS B 50 -1.56 -13.32 9.94
C HIS B 50 -2.93 -12.75 9.99
N ASN B 51 -3.00 -11.47 10.41
CA ASN B 51 -4.32 -10.83 10.57
C ASN B 51 -4.67 -9.83 9.41
N LEU B 52 -3.91 -9.94 8.33
CA LEU B 52 -4.20 -9.00 7.16
C LEU B 52 -5.22 -9.60 6.26
N GLN B 53 -6.16 -8.77 5.73
CA GLN B 53 -7.07 -9.11 4.68
C GLN B 53 -7.75 -10.41 4.91
N ARG B 54 -8.30 -10.61 6.10
CA ARG B 54 -8.96 -11.88 6.41
C ARG B 54 -10.26 -12.11 5.62
N TYR B 55 -11.01 -11.04 5.43
CA TYR B 55 -12.26 -11.12 4.73
C TYR B 55 -12.65 -9.63 4.40
N ILE B 56 -13.51 -9.54 3.42
CA ILE B 56 -14.24 -8.26 3.11
C ILE B 56 -15.67 -8.50 3.13
N THR B 57 -16.49 -7.43 3.28
CA THR B 57 -17.94 -7.64 3.31
C THR B 57 -18.54 -6.90 2.12
N ILE B 58 -19.26 -7.60 1.31
CA ILE B 58 -19.87 -7.05 0.08
C ILE B 58 -21.38 -7.27 0.14
N ASP B 59 -22.11 -6.16 0.26
CA ASP B 59 -23.58 -6.26 0.42
C ASP B 59 -23.97 -7.17 1.61
N GLY B 60 -23.31 -6.97 2.74
CA GLY B 60 -23.54 -7.77 3.93
C GLY B 60 -23.03 -9.22 3.91
N LYS B 61 -22.41 -9.69 2.83
CA LYS B 61 -21.96 -11.09 2.79
C LYS B 61 -20.41 -11.07 2.92
N GLN B 62 -19.88 -11.87 3.87
CA GLN B 62 -18.41 -11.95 4.02
C GLN B 62 -17.72 -12.81 2.95
N LEU B 63 -16.77 -12.20 2.29
CA LEU B 63 -15.91 -12.91 1.34
C LEU B 63 -14.63 -13.15 2.08
N HIS B 64 -14.42 -14.46 2.40
CA HIS B 64 -13.18 -14.80 3.09
C HIS B 64 -12.02 -14.87 2.09
N ARG B 65 -10.85 -14.60 2.65
CA ARG B 65 -9.56 -14.76 1.92
C ARG B 65 -9.64 -14.11 0.57
N PRO B 66 -10.02 -12.81 0.49
CA PRO B 66 -10.22 -12.18 -0.78
C PRO B 66 -8.99 -12.08 -1.65
N ILE B 67 -7.78 -12.08 -1.09
CA ILE B 67 -6.61 -11.96 -1.93
C ILE B 67 -6.15 -13.33 -2.40
N HIS B 68 -6.53 -14.40 -1.77
CA HIS B 68 -6.13 -15.80 -2.20
C HIS B 68 -7.34 -16.64 -2.22
N GLY B 69 -8.40 -16.22 -2.96
CA GLY B 69 -9.63 -16.95 -3.02
C GLY B 69 -9.88 -17.52 -4.39
N LEU B 70 -11.14 -17.67 -4.74
CA LEU B 70 -11.51 -18.29 -6.01
C LEU B 70 -11.07 -17.55 -7.27
N ALA B 71 -11.25 -16.24 -7.28
CA ALA B 71 -10.84 -15.47 -8.40
C ALA B 71 -9.36 -15.49 -8.73
N HIS B 72 -8.57 -15.29 -7.66
CA HIS B 72 -7.11 -15.42 -7.86
C HIS B 72 -6.79 -16.80 -8.45
N THR B 73 -7.36 -17.81 -7.82
CA THR B 73 -7.04 -19.21 -8.24
C THR B 73 -7.36 -19.46 -9.70
N MET B 74 -8.58 -19.07 -10.02
CA MET B 74 -9.09 -19.31 -11.35
C MET B 74 -8.37 -18.54 -12.41
N ARG B 75 -8.02 -17.30 -12.13
CA ARG B 75 -7.24 -16.56 -13.08
C ARG B 75 -5.93 -17.29 -13.45
N THR B 76 -5.29 -17.93 -12.47
CA THR B 76 -4.04 -18.56 -12.81
C THR B 76 -4.15 -19.69 -13.82
N LEU B 77 -5.32 -20.35 -13.84
CA LEU B 77 -5.57 -21.45 -14.83
C LEU B 77 -5.63 -20.90 -16.26
N MET B 78 -6.12 -19.65 -16.33
CA MET B 78 -6.11 -19.00 -17.67
C MET B 78 -4.76 -18.71 -18.17
N TYR B 79 -3.85 -18.16 -17.30
CA TYR B 79 -2.53 -17.80 -17.66
C TYR B 79 -1.72 -18.99 -18.20
N SER B 80 -1.85 -20.14 -17.52
CA SER B 80 -1.02 -21.30 -17.94
C SER B 80 -1.36 -21.73 -19.35
N GLN B 81 -2.61 -21.71 -19.64
CA GLN B 81 -3.03 -22.06 -21.04
C GLN B 81 -2.51 -21.05 -22.00
N LEU B 82 -2.52 -19.78 -21.68
CA LEU B 82 -1.97 -18.75 -22.54
C LEU B 82 -0.49 -18.90 -22.78
N MET B 83 0.32 -19.12 -21.69
CA MET B 83 1.70 -19.26 -21.81
C MET B 83 2.07 -20.55 -22.54
N TYR B 84 1.26 -21.60 -22.41
CA TYR B 84 1.52 -22.84 -23.20
C TYR B 84 1.49 -22.50 -24.70
N CYS B 85 0.53 -21.71 -25.10
CA CYS B 85 0.47 -21.29 -26.54
C CYS B 85 1.67 -20.49 -26.93
N SER B 86 2.04 -19.47 -26.12
CA SER B 86 3.17 -18.66 -26.46
C SER B 86 4.50 -19.42 -26.53
N SER B 87 4.76 -20.34 -25.55
CA SER B 87 5.98 -21.09 -25.53
C SER B 87 6.20 -21.93 -26.84
N LYS B 88 5.11 -22.48 -27.26
CA LYS B 88 5.12 -23.29 -28.57
C LYS B 88 5.53 -22.46 -29.82
N LYS B 89 5.42 -21.14 -29.76
CA LYS B 89 5.87 -20.19 -30.83
C LYS B 89 7.28 -19.69 -30.69
N GLN B 90 7.97 -19.98 -29.58
CA GLN B 90 9.22 -19.39 -29.35
C GLN B 90 10.30 -20.24 -30.03
N PRO B 91 11.30 -19.58 -30.62
CA PRO B 91 12.38 -20.34 -31.26
C PRO B 91 13.07 -21.26 -30.23
N SER B 92 13.46 -20.71 -29.04
CA SER B 92 14.09 -21.53 -27.99
C SER B 92 13.44 -21.44 -26.59
N PRO B 93 12.36 -22.20 -26.41
CA PRO B 93 11.72 -22.12 -25.07
C PRO B 93 12.62 -22.50 -23.94
N HIS B 94 12.26 -22.10 -22.71
CA HIS B 94 13.14 -22.24 -21.59
C HIS B 94 13.26 -23.68 -21.15
N VAL B 95 14.50 -24.14 -21.06
CA VAL B 95 14.69 -25.51 -20.69
C VAL B 95 14.74 -25.58 -19.15
N CYS B 96 13.90 -26.42 -18.57
CA CYS B 96 13.81 -26.58 -17.14
C CYS B 96 14.81 -27.57 -16.60
N GLN B 97 14.91 -27.73 -15.29
CA GLN B 97 16.03 -28.51 -14.72
C GLN B 97 15.96 -29.95 -15.18
N ASP B 98 14.78 -30.44 -15.53
CA ASP B 98 14.61 -31.81 -16.01
C ASP B 98 14.82 -31.99 -17.51
N GLY B 99 15.31 -30.97 -18.17
CA GLY B 99 15.57 -31.00 -19.62
C GLY B 99 14.36 -30.75 -20.53
N ARG B 100 13.21 -30.45 -19.94
CA ARG B 100 11.98 -30.31 -20.68
C ARG B 100 11.53 -28.84 -20.67
N THR B 101 10.72 -28.49 -21.65
CA THR B 101 10.25 -27.13 -21.81
C THR B 101 8.71 -27.19 -21.79
N ILE B 102 8.10 -25.97 -21.56
CA ILE B 102 6.67 -25.88 -21.63
C ILE B 102 6.11 -26.31 -23.02
N ALA B 103 6.90 -26.06 -24.04
CA ALA B 103 6.43 -26.49 -25.37
C ALA B 103 6.41 -28.02 -25.46
N ASP B 104 7.10 -28.76 -24.60
CA ASP B 104 7.04 -30.24 -24.55
C ASP B 104 5.73 -30.78 -23.94
N LEU B 105 4.98 -29.92 -23.26
CA LEU B 105 3.74 -30.35 -22.65
C LEU B 105 2.69 -30.67 -23.69
N SER B 106 1.75 -31.48 -23.31
CA SER B 106 0.55 -31.78 -24.14
C SER B 106 -0.62 -31.04 -23.64
N GLU B 107 -1.72 -31.04 -24.40
CA GLU B 107 -2.96 -30.51 -23.91
C GLU B 107 -3.51 -31.19 -22.68
N LEU B 108 -3.31 -32.48 -22.57
CA LEU B 108 -3.67 -33.23 -21.41
C LEU B 108 -2.81 -32.84 -20.13
N ASP B 109 -1.53 -32.61 -20.35
CA ASP B 109 -0.69 -32.06 -19.32
C ASP B 109 -1.27 -30.72 -18.81
N LEU B 110 -1.70 -29.85 -19.73
CA LEU B 110 -2.26 -28.56 -19.24
C LEU B 110 -3.51 -28.78 -18.42
N LYS B 111 -4.36 -29.78 -18.67
CA LYS B 111 -5.51 -30.11 -17.87
C LYS B 111 -5.08 -30.54 -16.43
N LYS B 112 -4.08 -31.41 -16.41
CA LYS B 112 -3.51 -31.85 -15.12
C LYS B 112 -2.90 -30.64 -14.34
N ILE B 113 -2.16 -29.83 -15.05
CA ILE B 113 -1.59 -28.60 -14.42
C ILE B 113 -2.73 -27.71 -13.93
N ASN B 114 -3.81 -27.49 -14.73
CA ASN B 114 -4.91 -26.66 -14.24
C ASN B 114 -5.51 -27.20 -13.00
N ILE B 115 -5.70 -28.54 -12.91
CA ILE B 115 -6.24 -29.17 -11.75
C ILE B 115 -5.33 -28.90 -10.49
N ALA B 116 -4.02 -29.10 -10.69
CA ALA B 116 -3.07 -28.87 -9.57
C ALA B 116 -3.11 -27.38 -9.19
N GLN B 117 -3.22 -26.47 -10.13
CA GLN B 117 -3.25 -25.05 -9.83
C GLN B 117 -4.39 -24.68 -8.97
N LEU B 118 -5.50 -25.39 -9.01
CA LEU B 118 -6.63 -25.13 -8.14
C LEU B 118 -6.29 -25.23 -6.68
N PHE B 119 -5.32 -26.09 -6.36
CA PHE B 119 -4.89 -26.34 -4.96
C PHE B 119 -3.75 -25.50 -4.56
N PHE B 120 -3.13 -24.69 -5.43
CA PHE B 120 -1.81 -24.08 -5.12
C PHE B 120 -1.77 -23.25 -3.90
N VAL B 121 -2.82 -22.46 -3.65
CA VAL B 121 -2.89 -21.59 -2.46
C VAL B 121 -4.04 -22.04 -1.53
N ALA B 122 -4.63 -23.21 -1.78
CA ALA B 122 -5.80 -23.72 -1.04
C ALA B 122 -5.43 -24.02 0.40
N GLY B 123 -4.17 -24.35 0.64
CA GLY B 123 -3.74 -24.73 2.01
C GLY B 123 -3.54 -23.57 2.89
N ARG B 124 -3.55 -22.33 2.37
CA ARG B 124 -3.38 -21.17 3.28
C ARG B 124 -4.37 -21.15 4.43
N GLU B 125 -3.81 -20.71 5.55
CA GLU B 125 -4.57 -20.45 6.75
C GLU B 125 -4.50 -19.00 7.25
N SER B 126 -3.81 -18.15 6.50
CA SER B 126 -3.82 -16.74 6.67
C SER B 126 -3.11 -16.13 5.50
N GLU B 127 -2.99 -14.79 5.50
CA GLU B 127 -2.15 -14.13 4.51
C GLU B 127 -0.70 -14.16 4.84
N ALA B 128 -0.26 -14.75 5.97
CA ALA B 128 1.13 -14.72 6.30
C ALA B 128 1.92 -15.36 5.09
N SER B 129 3.06 -14.79 4.83
CA SER B 129 3.93 -15.17 3.69
C SER B 129 5.41 -15.20 3.92
N TYR B 130 5.76 -15.08 5.22
CA TYR B 130 7.12 -15.39 5.58
C TYR B 130 7.38 -16.86 5.43
N GLY B 131 8.63 -17.26 5.38
CA GLY B 131 8.97 -18.60 4.96
C GLY B 131 8.27 -19.73 5.67
N ASP B 132 8.26 -19.70 6.99
CA ASP B 132 7.70 -20.81 7.71
C ASP B 132 6.22 -21.02 7.38
N ALA B 133 5.47 -19.91 7.37
CA ALA B 133 4.06 -19.99 7.08
C ALA B 133 3.88 -20.38 5.64
N TYR B 134 4.55 -19.75 4.72
CA TYR B 134 4.41 -20.09 3.32
C TYR B 134 4.59 -21.56 3.08
N HIS B 135 5.67 -22.10 3.62
CA HIS B 135 5.97 -23.53 3.39
C HIS B 135 4.97 -24.45 4.02
N ARG B 136 4.48 -24.11 5.21
CA ARG B 136 3.45 -24.92 5.80
C ARG B 136 2.19 -24.89 4.98
N TYR B 137 1.81 -23.70 4.56
CA TYR B 137 0.58 -23.61 3.75
C TYR B 137 0.67 -24.34 2.40
N HIS B 138 1.81 -24.29 1.75
CA HIS B 138 2.00 -25.06 0.53
C HIS B 138 2.02 -26.54 0.82
N LEU B 139 2.59 -27.01 1.94
CA LEU B 139 2.50 -28.43 2.26
C LEU B 139 1.09 -28.81 2.49
N TYR B 140 0.33 -27.96 3.18
CA TYR B 140 -1.08 -28.28 3.41
C TYR B 140 -1.88 -28.41 2.11
N GLY B 141 -1.64 -27.51 1.18
CA GLY B 141 -2.34 -27.59 -0.11
C GLY B 141 -1.96 -28.81 -0.88
N ALA B 142 -0.70 -29.20 -0.85
CA ALA B 142 -0.24 -30.43 -1.47
C ALA B 142 -0.92 -31.62 -0.92
N LYS B 143 -1.09 -31.69 0.41
CA LYS B 143 -1.78 -32.82 1.05
C LYS B 143 -3.23 -32.81 0.66
N GLN B 144 -3.86 -31.62 0.56
CA GLN B 144 -5.27 -31.52 0.09
C GLN B 144 -5.42 -32.01 -1.34
N PHE B 145 -4.51 -31.66 -2.21
CA PHE B 145 -4.46 -32.18 -3.57
C PHE B 145 -4.34 -33.70 -3.56
N GLU B 146 -3.39 -34.23 -2.82
CA GLU B 146 -3.11 -35.68 -2.85
C GLU B 146 -4.30 -36.40 -2.36
N GLU B 147 -4.94 -35.94 -1.31
CA GLU B 147 -6.06 -36.68 -0.81
C GLU B 147 -7.19 -36.73 -1.81
N TYR B 148 -7.47 -35.64 -2.47
CA TYR B 148 -8.53 -35.61 -3.46
C TYR B 148 -8.17 -36.46 -4.64
N ALA B 149 -6.94 -36.35 -5.08
CA ALA B 149 -6.53 -37.05 -6.30
C ALA B 149 -6.53 -38.54 -6.11
N ARG B 150 -6.15 -39.01 -4.95
CA ARG B 150 -6.06 -40.44 -4.78
C ARG B 150 -7.47 -41.04 -4.62
N LYS B 151 -8.43 -40.22 -4.27
CA LYS B 151 -9.85 -40.67 -4.14
C LYS B 151 -10.61 -40.54 -5.43
N HIS B 152 -10.35 -39.46 -6.20
CA HIS B 152 -11.24 -39.09 -7.33
C HIS B 152 -10.59 -38.95 -8.64
N LEU B 153 -9.23 -38.92 -8.75
CA LEU B 153 -8.58 -38.62 -9.99
C LEU B 153 -7.57 -39.69 -10.48
N THR B 154 -7.71 -40.91 -10.00
CA THR B 154 -6.72 -41.93 -10.34
C THR B 154 -6.97 -42.45 -11.75
N HIS B 155 -8.12 -42.12 -12.33
CA HIS B 155 -8.18 -42.43 -13.76
C HIS B 155 -7.50 -41.43 -14.67
N LEU B 156 -7.14 -40.25 -14.16
CA LEU B 156 -6.55 -39.22 -14.90
C LEU B 156 -5.02 -39.07 -14.54
N PHE B 157 -4.72 -39.15 -13.25
CA PHE B 157 -3.35 -38.97 -12.75
C PHE B 157 -2.79 -40.38 -12.41
N SER B 158 -1.61 -40.67 -12.93
CA SER B 158 -0.80 -41.85 -12.47
C SER B 158 -0.17 -41.56 -11.10
N GLU B 159 0.38 -42.56 -10.46
CA GLU B 159 1.07 -42.35 -9.19
C GLU B 159 2.23 -41.38 -9.32
N GLU B 160 3.01 -41.51 -10.38
CA GLU B 160 4.16 -40.58 -10.59
C GLU B 160 3.62 -39.16 -10.72
N GLU B 161 2.54 -38.98 -11.48
CA GLU B 161 1.92 -37.66 -11.64
C GLU B 161 1.41 -37.14 -10.31
N ILE B 162 0.79 -37.93 -9.50
CA ILE B 162 0.30 -37.39 -8.21
C ILE B 162 1.55 -36.87 -7.43
N ARG B 163 2.64 -37.63 -7.46
CA ARG B 163 3.88 -37.20 -6.75
C ARG B 163 4.43 -35.91 -7.33
N LEU B 164 4.49 -35.81 -8.66
CA LEU B 164 5.01 -34.59 -9.33
C LEU B 164 4.15 -33.40 -8.98
N TYR B 165 2.83 -33.51 -9.12
CA TYR B 165 2.00 -32.33 -8.88
C TYR B 165 1.89 -31.98 -7.44
N SER B 166 1.89 -32.94 -6.56
CA SER B 166 1.99 -32.66 -5.12
C SER B 166 3.21 -31.88 -4.82
N ARG B 167 4.34 -32.28 -5.37
CA ARG B 167 5.58 -31.59 -5.12
C ARG B 167 5.61 -30.16 -5.68
N CYS B 168 5.00 -29.97 -6.85
CA CYS B 168 4.86 -28.64 -7.48
C CYS B 168 4.08 -27.74 -6.52
N ILE B 169 2.99 -28.22 -5.93
CA ILE B 169 2.20 -27.43 -4.98
C ILE B 169 3.03 -27.18 -3.72
N GLU B 170 3.71 -28.22 -3.23
CA GLU B 170 4.44 -28.13 -1.97
C GLU B 170 5.51 -27.03 -1.96
N ASP B 171 6.23 -26.91 -3.05
CA ASP B 171 7.28 -25.88 -3.13
C ASP B 171 8.22 -25.94 -1.92
N ARG B 172 8.85 -27.07 -1.75
CA ARG B 172 9.71 -27.29 -0.58
C ARG B 172 10.88 -26.34 -0.61
N VAL B 173 11.37 -26.03 0.62
CA VAL B 173 12.65 -25.36 0.78
C VAL B 173 13.71 -26.09 -0.08
N GLY B 174 14.34 -25.30 -0.91
CA GLY B 174 15.38 -25.85 -1.78
C GLY B 174 14.92 -26.17 -3.17
N ASP B 175 13.61 -26.20 -3.43
CA ASP B 175 13.17 -26.57 -4.76
C ASP B 175 13.46 -25.42 -5.71
N SER B 176 13.71 -25.76 -6.98
CA SER B 176 13.94 -24.75 -7.98
C SER B 176 12.71 -24.26 -8.67
N PHE B 177 12.63 -22.97 -9.02
CA PHE B 177 11.52 -22.40 -9.64
C PHE B 177 11.14 -23.05 -10.99
N ASP B 178 12.19 -23.45 -11.72
CA ASP B 178 12.10 -24.13 -13.05
C ASP B 178 12.45 -25.56 -12.97
N GLY B 179 12.06 -26.30 -11.96
CA GLY B 179 12.42 -27.73 -11.83
C GLY B 179 11.95 -28.55 -12.98
N THR B 180 10.68 -28.35 -13.33
CA THR B 180 9.96 -29.06 -14.41
C THR B 180 9.15 -28.00 -15.09
N PRO B 181 8.73 -28.23 -16.33
CA PRO B 181 7.81 -27.29 -16.94
C PRO B 181 6.46 -27.17 -16.27
N GLU B 182 6.01 -28.25 -15.68
CA GLU B 182 4.76 -28.23 -14.94
C GLU B 182 4.86 -27.27 -13.77
N GLY B 183 5.90 -27.42 -12.98
CA GLY B 183 6.09 -26.53 -11.85
C GLY B 183 6.38 -25.12 -12.28
N TYR B 184 7.16 -24.97 -13.33
CA TYR B 184 7.53 -23.65 -13.81
C TYR B 184 6.29 -22.86 -14.22
N ILE B 185 5.43 -23.48 -14.97
CA ILE B 185 4.23 -22.75 -15.45
C ILE B 185 3.30 -22.45 -14.30
N ILE B 186 3.23 -23.29 -13.28
CA ILE B 186 2.44 -23.04 -12.06
C ILE B 186 3.01 -21.80 -11.39
N HIS B 187 4.33 -21.74 -11.23
CA HIS B 187 4.94 -20.57 -10.61
C HIS B 187 4.76 -19.28 -11.42
N LEU B 188 5.01 -19.40 -12.73
CA LEU B 188 4.82 -18.20 -13.55
C LEU B 188 3.42 -17.65 -13.54
N SER B 189 2.41 -18.53 -13.52
CA SER B 189 1.02 -18.15 -13.48
C SER B 189 0.76 -17.38 -12.20
N HIS B 190 1.23 -17.92 -11.08
CA HIS B 190 1.08 -17.23 -9.77
C HIS B 190 1.74 -15.91 -9.83
N MET B 191 2.95 -15.80 -10.38
CA MET B 191 3.69 -14.53 -10.51
C MET B 191 2.87 -13.52 -11.26
N ILE B 192 2.23 -13.89 -12.37
CA ILE B 192 1.48 -12.92 -13.18
C ILE B 192 0.40 -12.27 -12.32
N ASP B 193 -0.30 -13.07 -11.52
CA ASP B 193 -1.42 -12.61 -10.74
C ASP B 193 -0.95 -11.60 -9.68
N LEU B 194 0.31 -11.59 -9.27
CA LEU B 194 0.87 -10.66 -8.24
C LEU B 194 0.84 -9.25 -8.76
N MET B 195 0.72 -9.01 -10.02
CA MET B 195 0.70 -7.63 -10.51
C MET B 195 -0.40 -6.87 -9.89
N ARG B 196 -1.43 -7.53 -9.47
CA ARG B 196 -2.59 -6.77 -8.97
C ARG B 196 -2.24 -6.13 -7.65
N CYS B 197 -1.23 -6.58 -6.93
CA CYS B 197 -1.03 -6.11 -5.53
C CYS B 197 0.39 -5.63 -5.27
N LYS B 198 1.29 -5.84 -6.20
CA LYS B 198 2.67 -5.52 -5.98
C LYS B 198 3.08 -4.19 -6.55
N SER B 199 4.18 -3.63 -6.08
CA SER B 199 4.59 -2.27 -6.48
C SER B 199 5.25 -2.20 -7.86
N PRO B 200 5.43 -1.00 -8.38
CA PRO B 200 6.08 -0.82 -9.68
C PRO B 200 7.48 -1.41 -9.71
N VAL B 201 8.13 -1.42 -8.54
CA VAL B 201 9.46 -1.94 -8.38
C VAL B 201 9.44 -3.45 -8.63
N GLU B 202 8.55 -4.15 -7.96
CA GLU B 202 8.46 -5.58 -8.13
C GLU B 202 7.97 -5.98 -9.52
N VAL B 203 7.06 -5.21 -10.06
CA VAL B 203 6.46 -5.57 -11.38
C VAL B 203 7.44 -5.28 -12.57
N PHE B 204 8.15 -4.16 -12.50
CA PHE B 204 8.89 -3.72 -13.67
C PHE B 204 10.39 -3.66 -13.46
N LEU B 205 10.87 -3.50 -12.23
CA LEU B 205 12.28 -3.16 -12.07
C LEU B 205 13.16 -4.24 -11.45
N GLY B 206 12.57 -5.05 -10.57
CA GLY B 206 13.29 -5.95 -9.75
C GLY B 206 13.99 -5.25 -8.59
N HIS B 207 14.32 -6.04 -7.59
CA HIS B 207 15.28 -5.65 -6.54
C HIS B 207 16.67 -6.29 -6.91
N SER B 208 17.69 -6.05 -6.08
CA SER B 208 19.04 -6.61 -6.32
C SER B 208 19.07 -8.09 -5.99
N GLY B 210 20.61 -10.01 -9.31
CA GLY B 210 19.73 -11.05 -8.80
C GLY B 210 18.44 -11.17 -9.58
N VAL B 211 17.38 -10.48 -9.13
CA VAL B 211 15.99 -10.82 -9.51
C VAL B 211 15.37 -9.83 -10.52
N SER B 212 14.66 -10.34 -11.51
CA SER B 212 14.12 -9.46 -12.52
C SER B 212 12.63 -9.16 -12.24
N GLY B 213 12.20 -8.03 -12.71
CA GLY B 213 10.80 -7.70 -12.58
C GLY B 213 9.88 -8.73 -13.24
N ILE B 214 8.64 -8.72 -12.79
CA ILE B 214 7.64 -9.65 -13.35
C ILE B 214 7.46 -9.51 -14.92
N VAL B 215 7.25 -8.27 -15.34
CA VAL B 215 6.95 -8.04 -16.73
C VAL B 215 8.23 -8.30 -17.58
N PRO B 216 9.39 -7.88 -17.10
CA PRO B 216 10.60 -8.24 -17.84
C PRO B 216 10.83 -9.74 -17.96
N THR B 217 10.54 -10.49 -16.89
CA THR B 217 10.50 -11.98 -17.06
C THR B 217 9.63 -12.48 -18.18
N LEU B 218 8.39 -12.01 -18.28
CA LEU B 218 7.47 -12.41 -19.34
C LEU B 218 8.07 -12.04 -20.76
N ILE B 219 8.70 -10.85 -20.82
CA ILE B 219 9.23 -10.42 -22.11
C ILE B 219 10.46 -11.26 -22.47
N HIS B 220 11.29 -11.56 -21.52
CA HIS B 220 12.45 -12.51 -21.71
C HIS B 220 11.92 -13.85 -22.23
N LEU B 221 10.91 -14.46 -21.61
CA LEU B 221 10.43 -15.74 -22.11
C LEU B 221 9.67 -15.72 -23.39
N PHE B 222 8.82 -14.72 -23.60
CA PHE B 222 7.83 -14.81 -24.61
C PHE B 222 7.92 -13.79 -25.77
N GLY B 223 8.94 -12.95 -25.60
CA GLY B 223 9.13 -11.79 -26.46
C GLY B 223 8.29 -10.63 -26.05
N LYS B 224 8.71 -9.43 -26.42
CA LYS B 224 8.01 -8.22 -26.06
C LYS B 224 6.53 -8.21 -26.41
N GLN B 225 6.16 -8.62 -27.61
CA GLN B 225 4.84 -8.57 -28.02
C GLN B 225 3.93 -9.52 -27.12
N ASP B 226 4.26 -10.80 -27.09
CA ASP B 226 3.44 -11.73 -26.35
C ASP B 226 3.53 -11.40 -24.84
N GLY B 227 4.72 -11.02 -24.37
CA GLY B 227 4.90 -10.71 -22.93
C GLY B 227 3.95 -9.58 -22.50
N LEU B 228 3.96 -8.46 -23.24
CA LEU B 228 3.03 -7.36 -22.90
C LEU B 228 1.62 -7.75 -23.10
N ASP B 229 1.33 -8.57 -24.16
CA ASP B 229 -0.01 -9.04 -24.31
C ASP B 229 -0.57 -9.94 -23.13
N ILE B 230 0.34 -10.72 -22.52
CA ILE B 230 -0.05 -11.56 -21.37
C ILE B 230 -0.30 -10.59 -20.21
N MET B 231 0.59 -9.61 -20.04
CA MET B 231 0.34 -8.54 -19.02
C MET B 231 -1.04 -7.91 -19.18
N HIS B 232 -1.31 -7.48 -20.43
CA HIS B 232 -2.63 -6.84 -20.63
C HIS B 232 -3.85 -7.71 -20.42
N TYR B 233 -3.69 -8.99 -20.82
CA TYR B 233 -4.70 -9.97 -20.58
C TYR B 233 -5.05 -10.18 -19.10
N ALA B 234 -3.97 -10.29 -18.33
CA ALA B 234 -4.17 -10.41 -16.88
C ALA B 234 -4.88 -9.16 -16.30
N ARG B 235 -4.52 -7.99 -16.78
CA ARG B 235 -5.14 -6.79 -16.30
C ARG B 235 -6.62 -6.78 -16.68
N GLY B 236 -6.92 -7.29 -17.85
CA GLY B 236 -8.27 -7.51 -18.19
C GLY B 236 -9.08 -8.43 -17.30
N LEU B 237 -8.43 -9.57 -16.89
CA LEU B 237 -9.06 -10.45 -15.99
C LEU B 237 -9.19 -9.78 -14.64
N PHE B 238 -8.24 -8.97 -14.20
CA PHE B 238 -8.44 -8.23 -12.94
C PHE B 238 -9.75 -7.40 -13.00
N ALA B 239 -9.83 -6.61 -14.07
CA ALA B 239 -11.04 -5.79 -14.17
C ALA B 239 -12.30 -6.59 -14.23
N ALA B 240 -12.32 -7.69 -14.96
CA ALA B 240 -13.50 -8.53 -15.11
C ALA B 240 -13.99 -9.16 -13.81
N THR B 241 -13.01 -9.38 -12.91
CA THR B 241 -13.27 -9.93 -11.64
C THR B 241 -13.32 -8.91 -10.47
N GLY B 242 -13.38 -7.63 -10.85
CA GLY B 242 -13.60 -6.57 -9.89
C GLY B 242 -12.42 -6.06 -9.16
N GLU B 243 -11.20 -6.53 -9.48
CA GLU B 243 -10.05 -6.08 -8.77
C GLU B 243 -9.56 -4.74 -9.24
N ALA B 244 -9.07 -3.93 -8.31
CA ALA B 244 -8.41 -2.71 -8.75
C ALA B 244 -7.30 -3.00 -9.76
N VAL B 245 -7.19 -2.27 -10.87
CA VAL B 245 -6.14 -2.44 -11.86
C VAL B 245 -5.14 -1.31 -11.62
N PRO B 246 -3.90 -1.60 -11.19
CA PRO B 246 -2.99 -0.52 -10.97
C PRO B 246 -2.70 0.26 -12.20
N TYR B 247 -2.42 1.57 -12.06
CA TYR B 247 -1.92 2.31 -13.18
C TYR B 247 -0.46 1.90 -13.46
N ILE B 248 -0.02 2.11 -14.71
CA ILE B 248 1.33 1.91 -15.08
C ILE B 248 1.84 3.24 -15.66
N ASP B 249 2.97 3.66 -15.12
CA ASP B 249 3.57 4.92 -15.61
C ASP B 249 5.06 4.90 -15.52
N SER B 250 5.72 4.63 -16.65
CA SER B 250 7.15 4.48 -16.65
C SER B 250 7.91 5.80 -16.37
N SER B 251 7.23 6.91 -16.53
CA SER B 251 7.90 8.15 -16.19
C SER B 251 8.13 8.27 -14.69
N GLU B 252 7.47 7.44 -13.92
CA GLU B 252 7.70 7.42 -12.48
C GLU B 252 8.91 6.55 -12.04
N TRP B 253 9.37 5.68 -12.91
CA TRP B 253 10.33 4.65 -12.53
C TRP B 253 11.68 5.17 -12.10
N PRO B 254 12.15 6.27 -12.65
CA PRO B 254 13.48 6.72 -12.29
C PRO B 254 13.48 7.29 -10.91
N HIS B 255 12.30 7.43 -10.34
CA HIS B 255 12.11 8.18 -9.10
C HIS B 255 11.56 7.28 -7.99
N LEU B 256 12.00 6.02 -7.97
CA LEU B 256 11.53 5.11 -6.94
C LEU B 256 12.64 4.59 -6.02
N GLY B 257 13.87 5.06 -6.23
CA GLY B 257 14.98 4.72 -5.39
C GLY B 257 15.84 3.60 -5.95
N VAL B 258 15.50 3.13 -7.12
CA VAL B 258 16.21 2.02 -7.74
C VAL B 258 17.47 2.46 -8.52
N ASP B 259 18.58 1.72 -8.43
CA ASP B 259 19.78 1.92 -9.25
C ASP B 259 19.34 2.27 -10.68
N LEU B 260 19.84 3.37 -11.24
CA LEU B 260 19.40 3.79 -12.55
C LEU B 260 19.83 2.80 -13.60
N SER B 261 20.97 2.16 -13.43
CA SER B 261 21.35 1.10 -14.33
C SER B 261 20.19 0.12 -14.51
N ARG B 262 19.55 -0.22 -13.39
CA ARG B 262 18.44 -1.19 -13.30
C ARG B 262 17.14 -0.72 -13.99
N VAL B 263 16.75 0.51 -13.71
CA VAL B 263 15.70 1.27 -14.40
C VAL B 263 15.90 1.35 -15.91
N GLN B 264 17.10 1.71 -16.37
CA GLN B 264 17.31 1.89 -17.80
C GLN B 264 17.21 0.58 -18.57
N ARG B 265 17.67 -0.48 -17.91
CA ARG B 265 17.53 -1.87 -18.38
C ARG B 265 16.04 -2.21 -18.54
N ALA B 266 15.26 -1.85 -17.51
CA ALA B 266 13.80 -2.05 -17.58
C ALA B 266 13.17 -1.28 -18.69
N LEU B 267 13.52 -0.01 -18.80
CA LEU B 267 13.03 0.77 -19.91
C LEU B 267 13.40 0.20 -21.32
N SER B 268 14.60 -0.31 -21.48
CA SER B 268 15.03 -0.87 -22.75
C SER B 268 14.34 -2.19 -23.07
N ILE B 269 13.94 -2.94 -22.02
CA ILE B 269 13.23 -4.21 -22.23
C ILE B 269 11.71 -4.02 -22.48
N VAL B 270 11.08 -3.21 -21.61
CA VAL B 270 9.65 -2.98 -21.64
C VAL B 270 9.24 -1.88 -22.59
N GLY B 271 10.11 -0.86 -22.75
CA GLY B 271 9.75 0.36 -23.49
C GLY B 271 9.06 1.37 -22.58
N ASP B 272 8.98 2.65 -22.97
CA ASP B 272 8.04 3.55 -22.30
C ASP B 272 6.63 3.00 -22.29
N ILE B 273 5.94 3.14 -21.16
CA ILE B 273 4.62 2.58 -21.01
C ILE B 273 3.76 3.37 -20.07
N ASN B 274 2.56 3.61 -20.49
CA ASN B 274 1.65 4.35 -19.71
C ASN B 274 0.27 3.77 -19.91
N VAL B 275 -0.31 3.24 -18.84
CA VAL B 275 -1.59 2.59 -18.91
C VAL B 275 -2.42 3.04 -17.71
N PRO B 276 -3.66 3.48 -17.94
CA PRO B 276 -4.49 3.95 -16.85
C PRO B 276 -4.92 2.79 -15.82
N GLY B 277 -5.17 3.18 -14.58
CA GLY B 277 -5.66 2.29 -13.52
C GLY B 277 -7.15 2.26 -13.59
N GLN B 278 -7.74 1.37 -12.83
CA GLN B 278 -9.13 1.31 -12.67
C GLN B 278 -9.43 0.98 -11.21
N GLU B 279 -10.47 1.57 -10.61
CA GLU B 279 -10.95 1.28 -9.32
C GLU B 279 -11.58 -0.13 -9.25
N ALA B 280 -11.49 -0.67 -8.06
CA ALA B 280 -12.20 -1.95 -7.74
C ALA B 280 -13.70 -1.83 -7.96
N ASP B 281 -14.37 -2.92 -8.24
CA ASP B 281 -15.81 -2.96 -8.38
C ASP B 281 -16.31 -4.04 -7.46
N SER B 282 -17.00 -3.64 -6.42
CA SER B 282 -17.49 -4.61 -5.43
C SER B 282 -18.44 -5.64 -5.99
N LYS B 283 -19.40 -5.29 -6.87
CA LYS B 283 -20.24 -6.30 -7.44
C LYS B 283 -19.54 -7.43 -8.17
N LYS B 284 -18.63 -7.03 -9.03
CA LYS B 284 -17.84 -7.92 -9.87
C LYS B 284 -16.95 -8.75 -8.91
N THR B 285 -16.46 -8.12 -7.85
CA THR B 285 -15.56 -8.90 -6.86
C THR B 285 -16.43 -9.99 -6.24
N ALA B 286 -17.69 -9.74 -5.87
CA ALA B 286 -18.52 -10.77 -5.28
C ALA B 286 -18.94 -11.79 -6.31
N GLN B 287 -19.25 -11.44 -7.56
CA GLN B 287 -19.67 -12.38 -8.54
C GLN B 287 -18.58 -13.41 -8.83
N ALA B 288 -17.37 -12.92 -8.87
CA ALA B 288 -16.21 -13.78 -9.19
C ALA B 288 -15.80 -14.51 -7.93
N GLY B 289 -16.10 -14.03 -6.75
CA GLY B 289 -15.59 -14.71 -5.53
C GLY B 289 -16.41 -15.78 -4.94
N PHE B 290 -17.73 -15.77 -5.24
CA PHE B 290 -18.66 -16.57 -4.57
C PHE B 290 -19.20 -17.79 -5.33
N SER B 291 -18.81 -17.94 -6.57
CA SER B 291 -19.15 -19.16 -7.31
C SER B 291 -18.25 -19.41 -8.46
N VAL B 292 -18.03 -20.70 -8.73
CA VAL B 292 -17.23 -21.12 -9.88
C VAL B 292 -17.85 -20.60 -11.21
N ASP B 293 -19.14 -20.78 -11.34
CA ASP B 293 -19.74 -20.38 -12.60
C ASP B 293 -19.68 -18.86 -12.82
N GLY B 294 -19.91 -18.13 -11.73
CA GLY B 294 -19.80 -16.70 -11.78
C GLY B 294 -18.41 -16.20 -12.15
N CYS B 295 -17.41 -16.87 -11.50
CA CYS B 295 -16.05 -16.50 -11.83
C CYS B 295 -15.71 -16.83 -13.28
N TYR B 296 -16.00 -18.05 -13.67
CA TYR B 296 -15.66 -18.49 -15.00
C TYR B 296 -16.35 -17.66 -16.05
N SER B 297 -17.59 -17.27 -15.85
N SER B 297 -17.60 -17.27 -15.84
CA SER B 297 -18.24 -16.35 -16.79
CA SER B 297 -18.27 -16.33 -16.77
C SER B 297 -17.54 -15.04 -16.90
C SER B 297 -17.53 -15.05 -16.91
N ALA B 298 -17.08 -14.50 -15.79
CA ALA B 298 -16.27 -13.29 -15.83
C ALA B 298 -14.98 -13.42 -16.62
N LEU B 299 -14.25 -14.52 -16.36
CA LEU B 299 -13.07 -14.75 -17.07
C LEU B 299 -13.24 -14.90 -18.61
N THR B 300 -14.32 -15.61 -18.95
CA THR B 300 -14.60 -15.91 -20.34
C THR B 300 -15.01 -14.64 -21.14
N SER B 301 -15.36 -13.62 -20.36
CA SER B 301 -15.81 -12.32 -21.01
C SER B 301 -14.63 -11.57 -21.59
N VAL B 302 -13.40 -11.86 -21.16
CA VAL B 302 -12.26 -11.13 -21.59
C VAL B 302 -11.63 -11.73 -22.83
N PRO B 303 -11.47 -10.94 -23.91
CA PRO B 303 -10.83 -11.48 -25.08
C PRO B 303 -9.40 -11.93 -24.85
N THR B 304 -9.03 -13.04 -25.48
CA THR B 304 -7.68 -13.47 -25.53
C THR B 304 -6.84 -12.75 -26.51
N PRO B 305 -5.50 -12.79 -26.40
CA PRO B 305 -4.62 -12.18 -27.38
C PRO B 305 -4.95 -12.78 -28.79
N SER B 306 -4.78 -11.94 -29.80
CA SER B 306 -5.08 -12.37 -31.21
C SER B 306 -4.32 -13.60 -31.63
N TRP B 307 -3.13 -13.79 -31.09
CA TRP B 307 -2.30 -14.91 -31.38
C TRP B 307 -2.68 -16.20 -30.66
N TYR B 308 -3.61 -16.16 -29.72
CA TYR B 308 -3.92 -17.37 -28.98
C TYR B 308 -4.67 -18.40 -29.81
N GLU B 309 -4.19 -19.63 -29.80
CA GLU B 309 -4.89 -20.72 -30.46
C GLU B 309 -4.77 -22.08 -29.79
#